data_3PS5
#
_entry.id   3PS5
#
_cell.length_a   231.919
_cell.length_b   231.919
_cell.length_c   78.852
_cell.angle_alpha   90.00
_cell.angle_beta   90.00
_cell.angle_gamma   120.00
#
_symmetry.space_group_name_H-M   'H 3 2'
#
loop_
_entity.id
_entity.type
_entity.pdbx_description
1 polymer 'Tyrosine-protein phosphatase non-receptor type 6'
2 non-polymer 'SULFATE ION'
3 water water
#
_entity_poly.entity_id   1
_entity_poly.type   'polypeptide(L)'
_entity_poly.pdbx_seq_one_letter_code
;MVRWFHRDLSGLDAETLLKGRGVHGSFLARPSRKNQGDFSLSVRVGDQVTHIRIQNSGDFYDLYGGEKFATLTELVEYYT
QQQGVLQDRDGTIIHLKYPLNCSDPTSERWYHGHMSGGQAETLLQAKGEPWTFLVRESLSQPGDFVLSVLSDQPKAGPGS
PLRVTHIKVMCEGGRYTVGGLETFDSLTDLVEHFKKTGIEEASGAFVYLRQPYYATRVNAADIENRVLELNKKQESEDTA
KAGFWEEFESLQKQEVKNLHQRLEGQRPENKGKNRYKNILPFDHSRVILQGRDSNIPGSDYINANYIKNQLLGPDENAKT
YIASQGCLEATVNDFWQMAWQENSRVIVMTTREVEKGRNKCVPYWPEVGMQRAYGPYSVTNCGEHDTTEYKLRTLQVSPL
DNGDLIREIWHYQYLSWPDHGVPSEPGGVLSFLDQINQRQESLPHAGPIIVHSSAGIGRTGTIIVIDMLMENISTKGLDC
DIDIQKTIQMVRAQRSGMVQTEAQYKFIYVAIAQFIETTKKKLEVLQSQKGQESEYGNITYPPAMKNAHAKASRTSSKHK
EDVYENLHTKNKREEKVKKQRSADKEKSKGSLKRK
;
_entity_poly.pdbx_strand_id   A
#
loop_
_chem_comp.id
_chem_comp.type
_chem_comp.name
_chem_comp.formula
SO4 non-polymer 'SULFATE ION' 'O4 S -2'
#
# COMPACT_ATOMS: atom_id res chain seq x y z
N MET A 1 0.09 -13.74 8.09
CA MET A 1 0.91 -12.72 7.38
C MET A 1 1.08 -13.05 5.89
N VAL A 2 0.42 -12.25 5.04
CA VAL A 2 0.47 -12.36 3.57
C VAL A 2 -0.21 -13.60 3.00
N ARG A 3 -0.62 -13.54 1.73
CA ARG A 3 -1.40 -14.59 1.09
C ARG A 3 -0.54 -15.62 0.32
N TRP A 4 0.36 -16.28 1.04
CA TRP A 4 1.25 -17.30 0.48
C TRP A 4 0.52 -18.61 0.19
N PHE A 5 1.29 -19.67 -0.03
CA PHE A 5 0.77 -21.03 -0.28
C PHE A 5 0.01 -21.22 -1.60
N HIS A 6 0.39 -22.24 -2.34
CA HIS A 6 -0.28 -22.61 -3.58
C HIS A 6 -0.75 -24.06 -3.49
N ARG A 7 -1.84 -24.39 -4.17
CA ARG A 7 -2.50 -25.69 -4.00
C ARG A 7 -2.09 -26.70 -5.08
N ASP A 8 -2.24 -26.30 -6.33
CA ASP A 8 -1.90 -27.16 -7.46
C ASP A 8 -0.70 -26.57 -8.20
N LEU A 9 0.48 -26.79 -7.63
CA LEU A 9 1.72 -26.25 -8.19
C LEU A 9 2.87 -27.26 -8.11
N SER A 10 3.60 -27.38 -9.22
CA SER A 10 4.75 -28.25 -9.30
C SER A 10 6.02 -27.44 -9.44
N GLY A 11 7.13 -28.00 -8.95
CA GLY A 11 8.43 -27.33 -8.90
C GLY A 11 8.83 -26.63 -10.19
N LEU A 12 8.63 -27.32 -11.31
CA LEU A 12 9.00 -26.82 -12.63
C LEU A 12 8.36 -25.47 -12.95
N ASP A 13 7.05 -25.36 -12.72
CA ASP A 13 6.32 -24.11 -12.96
C ASP A 13 6.36 -23.17 -11.75
N ALA A 14 6.71 -23.70 -10.58
CA ALA A 14 6.95 -22.88 -9.39
C ALA A 14 8.23 -22.05 -9.56
N GLU A 15 9.23 -22.64 -10.22
CA GLU A 15 10.49 -21.96 -10.52
C GLU A 15 10.28 -20.81 -11.50
N THR A 16 9.58 -21.08 -12.59
CA THR A 16 9.30 -20.08 -13.62
C THR A 16 8.46 -18.93 -13.06
N LEU A 17 7.62 -19.26 -12.07
CA LEU A 17 6.79 -18.28 -11.39
C LEU A 17 7.62 -17.34 -10.54
N LEU A 18 8.60 -17.90 -9.82
CA LEU A 18 9.48 -17.14 -8.95
C LEU A 18 10.55 -16.38 -9.71
N LYS A 19 11.20 -17.05 -10.66
CA LYS A 19 12.25 -16.44 -11.49
C LYS A 19 11.72 -15.31 -12.36
N GLY A 20 10.50 -15.50 -12.86
CA GLY A 20 9.87 -14.53 -13.74
C GLY A 20 9.31 -13.32 -13.02
N ARG A 21 8.59 -13.56 -11.91
CA ARG A 21 7.87 -12.50 -11.22
C ARG A 21 8.55 -12.00 -9.95
N GLY A 22 9.06 -12.93 -9.13
CA GLY A 22 9.64 -12.59 -7.84
C GLY A 22 11.06 -12.08 -7.91
N VAL A 23 11.48 -11.42 -6.83
CA VAL A 23 12.86 -10.93 -6.68
C VAL A 23 13.62 -11.82 -5.69
N HIS A 24 14.79 -11.36 -5.26
CA HIS A 24 15.57 -12.07 -4.25
C HIS A 24 14.78 -12.25 -2.96
N GLY A 25 14.90 -13.42 -2.35
CA GLY A 25 14.21 -13.72 -1.09
C GLY A 25 12.74 -14.02 -1.23
N SER A 26 12.26 -14.11 -2.48
CA SER A 26 10.89 -14.52 -2.74
C SER A 26 10.70 -15.99 -2.37
N PHE A 27 9.55 -16.30 -1.79
CA PHE A 27 9.25 -17.67 -1.39
C PHE A 27 7.76 -18.00 -1.43
N LEU A 28 7.47 -19.31 -1.52
CA LEU A 28 6.11 -19.82 -1.48
C LEU A 28 6.14 -21.28 -1.04
N ALA A 29 4.98 -21.79 -0.65
CA ALA A 29 4.88 -23.19 -0.23
C ALA A 29 3.80 -23.92 -1.02
N ARG A 30 4.12 -25.15 -1.43
CA ARG A 30 3.19 -26.00 -2.19
C ARG A 30 3.40 -27.47 -1.85
N PRO A 31 2.35 -28.31 -2.04
CA PRO A 31 2.46 -29.74 -1.79
C PRO A 31 3.52 -30.39 -2.67
N SER A 32 4.28 -31.31 -2.11
CA SER A 32 5.35 -31.98 -2.83
C SER A 32 4.80 -33.12 -3.67
N ARG A 33 5.13 -33.12 -4.96
CA ARG A 33 4.74 -34.19 -5.88
C ARG A 33 5.47 -35.48 -5.51
N LYS A 34 6.80 -35.41 -5.45
CA LYS A 34 7.62 -36.49 -4.91
C LYS A 34 7.37 -36.53 -3.41
N ASN A 35 7.23 -37.73 -2.86
CA ASN A 35 6.85 -37.93 -1.46
C ASN A 35 5.49 -37.25 -1.15
N GLN A 36 4.42 -37.88 -1.60
CA GLN A 36 3.07 -37.35 -1.45
C GLN A 36 2.63 -37.28 0.00
N GLY A 37 1.91 -36.22 0.35
CA GLY A 37 1.48 -35.97 1.72
C GLY A 37 2.31 -34.88 2.39
N ASP A 38 3.60 -34.84 2.04
CA ASP A 38 4.52 -33.82 2.55
C ASP A 38 4.39 -32.49 1.79
N PHE A 39 5.16 -31.50 2.22
CA PHE A 39 5.13 -30.18 1.60
C PHE A 39 6.52 -29.73 1.12
N SER A 40 6.53 -28.78 0.20
CA SER A 40 7.77 -28.23 -0.33
C SER A 40 7.82 -26.71 -0.15
N LEU A 41 9.02 -26.20 0.14
CA LEU A 41 9.22 -24.76 0.31
C LEU A 41 10.12 -24.23 -0.80
N SER A 42 9.49 -23.66 -1.82
CA SER A 42 10.22 -23.10 -2.95
C SER A 42 10.68 -21.67 -2.63
N VAL A 43 11.99 -21.49 -2.58
CA VAL A 43 12.59 -20.19 -2.25
C VAL A 43 13.51 -19.71 -3.38
N ARG A 44 13.50 -18.40 -3.62
CA ARG A 44 14.36 -17.79 -4.63
C ARG A 44 15.63 -17.24 -3.99
N VAL A 45 16.77 -17.63 -4.55
CA VAL A 45 18.07 -17.18 -4.07
C VAL A 45 18.82 -16.52 -5.24
N GLY A 46 18.67 -15.20 -5.34
CA GLY A 46 19.27 -14.43 -6.42
C GLY A 46 18.52 -14.62 -7.72
N ASP A 47 18.98 -15.59 -8.51
CA ASP A 47 18.34 -15.93 -9.79
C ASP A 47 17.99 -17.41 -9.87
N GLN A 48 18.45 -18.19 -8.89
CA GLN A 48 18.17 -19.62 -8.83
C GLN A 48 17.14 -19.94 -7.75
N VAL A 49 16.21 -20.83 -8.09
CA VAL A 49 15.18 -21.28 -7.15
C VAL A 49 15.59 -22.61 -6.50
N THR A 50 15.48 -22.66 -5.18
CA THR A 50 15.79 -23.86 -4.40
C THR A 50 14.53 -24.39 -3.73
N HIS A 51 14.45 -25.71 -3.57
CA HIS A 51 13.29 -26.37 -2.96
C HIS A 51 13.67 -27.12 -1.70
N ILE A 52 12.86 -26.94 -0.65
CA ILE A 52 13.13 -27.59 0.63
C ILE A 52 11.93 -28.43 1.08
N ARG A 53 12.22 -29.69 1.43
CA ARG A 53 11.21 -30.64 1.87
C ARG A 53 10.72 -30.32 3.28
N ILE A 54 9.41 -30.40 3.48
CA ILE A 54 8.77 -30.16 4.77
C ILE A 54 7.98 -31.40 5.16
N GLN A 55 8.24 -31.93 6.35
CA GLN A 55 7.56 -33.13 6.83
C GLN A 55 6.24 -32.80 7.51
N ASN A 56 5.19 -33.50 7.09
CA ASN A 56 3.89 -33.42 7.75
C ASN A 56 3.48 -34.79 8.29
N SER A 57 3.82 -35.04 9.55
CA SER A 57 3.56 -36.32 10.22
C SER A 57 2.17 -36.39 10.83
N GLY A 58 1.38 -35.34 10.64
CA GLY A 58 0.03 -35.25 11.21
C GLY A 58 0.00 -34.58 12.56
N ASP A 59 1.14 -34.61 13.25
CA ASP A 59 1.28 -34.01 14.58
C ASP A 59 2.09 -32.72 14.51
N PHE A 60 3.13 -32.74 13.67
CA PHE A 60 4.09 -31.64 13.61
C PHE A 60 4.57 -31.34 12.20
N TYR A 61 5.08 -30.12 12.02
CA TYR A 61 5.72 -29.71 10.78
C TYR A 61 7.19 -29.40 11.06
N ASP A 62 8.08 -30.07 10.32
CA ASP A 62 9.51 -29.82 10.42
C ASP A 62 10.20 -30.07 9.07
N LEU A 63 11.51 -29.82 9.02
CA LEU A 63 12.29 -30.02 7.80
C LEU A 63 13.18 -31.26 7.90
N TYR A 64 12.59 -32.36 8.41
CA TYR A 64 13.32 -33.60 8.69
C TYR A 64 14.57 -33.34 9.53
N GLY A 65 14.34 -33.10 10.81
CA GLY A 65 15.38 -32.59 11.70
C GLY A 65 15.16 -31.11 11.90
N GLY A 66 15.28 -30.65 13.14
CA GLY A 66 14.98 -29.27 13.50
C GLY A 66 13.71 -29.17 14.31
N GLU A 67 13.46 -27.96 14.83
CA GLU A 67 12.30 -27.68 15.67
C GLU A 67 10.97 -27.98 14.96
N LYS A 68 10.02 -28.50 15.74
CA LYS A 68 8.71 -28.91 15.23
C LYS A 68 7.69 -27.78 15.37
N PHE A 69 6.59 -27.88 14.62
CA PHE A 69 5.55 -26.85 14.62
C PHE A 69 4.15 -27.42 14.51
N ALA A 70 3.19 -26.79 15.16
CA ALA A 70 1.79 -27.20 15.10
C ALA A 70 1.24 -27.10 13.69
N THR A 71 1.30 -25.90 13.12
CA THR A 71 0.82 -25.66 11.76
C THR A 71 1.97 -25.27 10.82
N LEU A 72 1.75 -25.48 9.52
CA LEU A 72 2.71 -25.09 8.48
C LEU A 72 2.98 -23.58 8.55
N THR A 73 1.96 -22.82 8.96
CA THR A 73 2.07 -21.37 9.13
C THR A 73 3.08 -21.01 10.22
N GLU A 74 3.05 -21.77 11.32
CA GLU A 74 3.98 -21.56 12.42
C GLU A 74 5.42 -21.84 11.99
N LEU A 75 5.60 -22.89 11.20
CA LEU A 75 6.90 -23.22 10.61
C LEU A 75 7.45 -22.09 9.74
N VAL A 76 6.61 -21.56 8.85
CA VAL A 76 7.04 -20.51 7.93
C VAL A 76 7.36 -19.20 8.67
N GLU A 77 6.43 -18.74 9.51
CA GLU A 77 6.62 -17.52 10.28
C GLU A 77 7.92 -17.56 11.09
N TYR A 78 8.20 -18.71 11.69
CA TYR A 78 9.42 -18.95 12.45
C TYR A 78 10.65 -18.56 11.65
N TYR A 79 10.84 -19.22 10.51
CA TYR A 79 11.99 -18.96 9.66
C TYR A 79 11.96 -17.58 8.99
N THR A 80 10.75 -17.03 8.83
CA THR A 80 10.59 -15.67 8.31
C THR A 80 11.07 -14.65 9.34
N GLN A 81 10.73 -14.90 10.61
CA GLN A 81 11.18 -14.07 11.73
C GLN A 81 12.67 -14.27 12.00
N GLN A 82 13.25 -15.28 11.35
CA GLN A 82 14.67 -15.65 11.53
C GLN A 82 14.98 -16.06 12.97
N GLN A 83 14.05 -16.79 13.56
CA GLN A 83 14.21 -17.36 14.90
C GLN A 83 15.00 -18.66 14.83
N GLY A 84 15.24 -19.13 13.61
CA GLY A 84 16.04 -20.32 13.37
C GLY A 84 16.68 -20.25 11.99
N VAL A 85 17.80 -20.96 11.83
CA VAL A 85 18.54 -20.94 10.58
C VAL A 85 17.89 -21.88 9.57
N LEU A 86 17.62 -21.36 8.37
CA LEU A 86 17.11 -22.17 7.28
C LEU A 86 18.24 -22.44 6.30
N GLN A 87 18.56 -23.71 6.11
CA GLN A 87 19.56 -24.11 5.13
C GLN A 87 19.11 -25.31 4.31
N ASP A 88 19.37 -25.28 3.01
CA ASP A 88 18.95 -26.35 2.11
C ASP A 88 19.91 -27.55 2.11
N ARG A 89 19.88 -28.32 1.03
CA ARG A 89 20.60 -29.60 0.95
C ARG A 89 22.12 -29.47 1.17
N ASP A 90 22.78 -28.65 0.35
CA ASP A 90 24.23 -28.47 0.46
C ASP A 90 24.65 -27.80 1.77
N GLY A 91 23.82 -26.86 2.25
CA GLY A 91 24.10 -26.17 3.51
C GLY A 91 23.92 -24.67 3.45
N THR A 92 23.69 -24.15 2.24
CA THR A 92 23.51 -22.71 2.02
C THR A 92 22.40 -22.14 2.89
N ILE A 93 22.73 -21.12 3.67
CA ILE A 93 21.73 -20.44 4.51
C ILE A 93 20.78 -19.63 3.63
N ILE A 94 19.50 -19.97 3.70
CA ILE A 94 18.47 -19.37 2.87
C ILE A 94 17.69 -18.33 3.68
N HIS A 95 17.40 -17.19 3.07
CA HIS A 95 16.62 -16.14 3.72
C HIS A 95 15.22 -16.00 3.11
N LEU A 96 14.22 -16.00 3.99
CA LEU A 96 12.81 -15.86 3.60
C LEU A 96 12.36 -14.40 3.69
N LYS A 97 12.58 -13.65 2.61
CA LYS A 97 12.24 -12.23 2.57
C LYS A 97 10.77 -11.98 2.20
N TYR A 98 10.48 -11.96 0.90
CA TYR A 98 9.15 -11.60 0.42
C TYR A 98 8.39 -12.80 -0.15
N PRO A 99 7.21 -13.11 0.40
CA PRO A 99 6.41 -14.21 -0.15
C PRO A 99 5.76 -13.85 -1.48
N LEU A 100 5.59 -14.85 -2.35
CA LEU A 100 4.92 -14.68 -3.64
C LEU A 100 3.53 -15.29 -3.58
N ASN A 101 2.51 -14.47 -3.83
CA ASN A 101 1.11 -14.87 -3.65
C ASN A 101 0.50 -15.62 -4.82
N CYS A 102 -0.41 -16.54 -4.51
CA CYS A 102 -1.31 -17.10 -5.50
C CYS A 102 -2.42 -16.09 -5.76
N SER A 103 -3.05 -16.18 -6.93
CA SER A 103 -4.17 -15.31 -7.27
C SER A 103 -5.33 -15.52 -6.30
N ASP A 104 -6.11 -14.47 -6.06
CA ASP A 104 -7.32 -14.59 -5.27
C ASP A 104 -8.29 -15.54 -5.99
N PRO A 105 -8.77 -16.56 -5.26
CA PRO A 105 -9.71 -17.56 -5.81
C PRO A 105 -11.03 -16.93 -6.26
N THR A 106 -11.31 -15.73 -5.76
CA THR A 106 -12.48 -14.96 -6.15
C THR A 106 -12.15 -13.48 -6.24
N SER A 107 -12.84 -12.77 -7.14
CA SER A 107 -12.71 -11.33 -7.29
C SER A 107 -13.63 -10.59 -6.32
N GLU A 108 -14.49 -11.34 -5.64
CA GLU A 108 -15.42 -10.78 -4.66
C GLU A 108 -14.68 -10.24 -3.45
N ARG A 109 -15.19 -9.14 -2.91
CA ARG A 109 -14.51 -8.38 -1.86
C ARG A 109 -14.53 -9.02 -0.46
N TRP A 110 -15.44 -9.98 -0.25
CA TRP A 110 -15.58 -10.60 1.07
C TRP A 110 -14.48 -11.62 1.42
N TYR A 111 -13.55 -11.84 0.49
CA TYR A 111 -12.45 -12.78 0.72
C TYR A 111 -11.22 -12.09 1.29
N HIS A 112 -10.73 -12.60 2.41
CA HIS A 112 -9.63 -11.98 3.15
C HIS A 112 -8.31 -12.77 3.07
N GLY A 113 -8.37 -13.97 2.50
CA GLY A 113 -7.18 -14.79 2.32
C GLY A 113 -6.63 -15.35 3.63
N HIS A 114 -5.31 -15.22 3.79
CA HIS A 114 -4.63 -15.76 4.96
C HIS A 114 -4.95 -14.98 6.23
N MET A 115 -5.91 -15.51 7.00
CA MET A 115 -6.37 -14.90 8.23
C MET A 115 -6.77 -15.99 9.22
N SER A 116 -6.32 -15.87 10.47
CA SER A 116 -6.63 -16.85 11.51
C SER A 116 -8.06 -16.69 12.03
N GLY A 117 -8.59 -17.77 12.59
CA GLY A 117 -9.94 -17.76 13.17
C GLY A 117 -10.09 -16.69 14.25
N GLY A 118 -9.08 -16.59 15.10
CA GLY A 118 -9.02 -15.56 16.14
C GLY A 118 -9.26 -14.17 15.59
N GLN A 119 -8.48 -13.81 14.57
CA GLN A 119 -8.67 -12.55 13.84
C GLN A 119 -10.10 -12.45 13.30
N ALA A 120 -10.48 -13.42 12.47
CA ALA A 120 -11.81 -13.49 11.86
C ALA A 120 -12.94 -13.30 12.87
N GLU A 121 -12.81 -13.96 14.03
CA GLU A 121 -13.79 -13.88 15.10
C GLU A 121 -13.96 -12.43 15.59
N THR A 122 -12.84 -11.75 15.81
CA THR A 122 -12.84 -10.43 16.45
C THR A 122 -13.53 -9.35 15.60
N LEU A 123 -13.15 -9.24 14.33
CA LEU A 123 -13.73 -8.18 13.48
C LEU A 123 -15.18 -8.44 13.04
N LEU A 124 -15.59 -9.70 13.07
CA LEU A 124 -16.98 -10.06 12.84
C LEU A 124 -17.85 -9.70 14.04
N GLN A 125 -17.37 -10.04 15.24
CA GLN A 125 -18.03 -9.68 16.49
C GLN A 125 -18.10 -8.16 16.65
N ALA A 126 -17.08 -7.47 16.15
CA ALA A 126 -17.00 -6.02 16.15
C ALA A 126 -18.15 -5.39 15.35
N LYS A 127 -18.46 -5.98 14.19
CA LYS A 127 -19.57 -5.52 13.35
C LYS A 127 -20.89 -5.61 14.11
N GLY A 128 -21.14 -6.78 14.69
CA GLY A 128 -22.31 -6.99 15.56
C GLY A 128 -23.54 -7.57 14.88
N GLU A 129 -23.71 -7.26 13.59
CA GLU A 129 -24.87 -7.74 12.84
C GLU A 129 -24.78 -9.25 12.59
N PRO A 130 -25.84 -10.00 12.96
CA PRO A 130 -25.85 -11.45 12.77
C PRO A 130 -25.85 -11.81 11.28
N TRP A 131 -25.41 -13.03 10.98
CA TRP A 131 -25.30 -13.56 9.61
C TRP A 131 -24.41 -12.70 8.70
N THR A 132 -23.38 -12.11 9.31
CA THR A 132 -22.33 -11.42 8.59
C THR A 132 -21.21 -12.42 8.33
N PHE A 133 -20.79 -12.54 7.07
CA PHE A 133 -19.90 -13.63 6.67
C PHE A 133 -18.58 -13.15 6.06
N LEU A 134 -17.61 -14.07 6.05
CA LEU A 134 -16.24 -13.79 5.63
C LEU A 134 -15.60 -15.09 5.17
N VAL A 135 -14.94 -15.05 4.01
CA VAL A 135 -14.21 -16.22 3.52
C VAL A 135 -12.70 -15.99 3.68
N ARG A 136 -12.01 -17.00 4.19
CA ARG A 136 -10.58 -16.91 4.49
C ARG A 136 -9.90 -18.26 4.25
N GLU A 137 -8.57 -18.25 4.30
CA GLU A 137 -7.79 -19.47 4.22
C GLU A 137 -7.95 -20.33 5.48
N SER A 138 -7.71 -21.63 5.35
CA SER A 138 -7.69 -22.54 6.49
C SER A 138 -6.27 -22.76 6.98
N LEU A 139 -5.97 -22.22 8.17
CA LEU A 139 -4.65 -22.35 8.77
C LEU A 139 -4.40 -23.74 9.35
N SER A 140 -5.50 -24.43 9.70
CA SER A 140 -5.44 -25.78 10.27
C SER A 140 -5.15 -26.83 9.19
N GLN A 141 -5.90 -26.74 8.10
CA GLN A 141 -5.77 -27.69 6.99
C GLN A 141 -5.36 -26.93 5.74
N PRO A 142 -4.03 -26.86 5.48
CA PRO A 142 -3.49 -26.13 4.32
C PRO A 142 -4.00 -26.69 3.00
N GLY A 143 -4.69 -25.85 2.24
CA GLY A 143 -5.34 -26.27 1.01
C GLY A 143 -6.85 -26.13 1.06
N ASP A 144 -7.38 -25.85 2.25
CA ASP A 144 -8.81 -25.63 2.45
C ASP A 144 -9.11 -24.15 2.70
N PHE A 145 -10.39 -23.86 2.88
CA PHE A 145 -10.86 -22.51 3.21
C PHE A 145 -11.82 -22.58 4.39
N VAL A 146 -12.21 -21.41 4.90
CA VAL A 146 -13.16 -21.32 6.00
C VAL A 146 -14.14 -20.17 5.74
N LEU A 147 -15.43 -20.48 5.80
CA LEU A 147 -16.47 -19.46 5.76
C LEU A 147 -16.84 -19.10 7.20
N SER A 148 -16.27 -18.01 7.69
CA SER A 148 -16.53 -17.55 9.05
C SER A 148 -17.78 -16.69 9.10
N VAL A 149 -18.79 -17.16 9.82
CA VAL A 149 -20.09 -16.46 9.91
C VAL A 149 -20.48 -16.19 11.36
N LEU A 150 -21.10 -15.04 11.59
CA LEU A 150 -21.53 -14.62 12.92
C LEU A 150 -22.98 -15.06 13.18
N SER A 151 -23.16 -15.83 14.25
CA SER A 151 -24.48 -16.35 14.62
C SER A 151 -25.31 -15.30 15.35
N ASP A 152 -26.59 -15.61 15.57
CA ASP A 152 -27.48 -14.75 16.35
C ASP A 152 -27.57 -15.22 17.80
N GLN A 153 -26.63 -16.06 18.20
CA GLN A 153 -26.56 -16.60 19.56
C GLN A 153 -25.28 -16.12 20.24
N PRO A 154 -25.42 -15.53 21.45
CA PRO A 154 -24.26 -15.08 22.23
C PRO A 154 -23.37 -16.24 22.64
N LYS A 155 -22.05 -16.02 22.62
CA LYS A 155 -21.09 -17.10 22.88
C LYS A 155 -21.07 -17.53 24.35
N ALA A 156 -21.38 -16.58 25.24
CA ALA A 156 -21.49 -16.86 26.66
C ALA A 156 -22.91 -16.54 27.11
N GLY A 157 -23.04 -15.77 28.19
CA GLY A 157 -24.35 -15.36 28.69
C GLY A 157 -24.93 -14.19 27.90
N PRO A 158 -25.94 -13.51 28.47
CA PRO A 158 -26.45 -12.30 27.82
C PRO A 158 -25.42 -11.17 27.88
N GLY A 159 -25.44 -10.30 26.88
CA GLY A 159 -24.52 -9.17 26.82
C GLY A 159 -23.12 -9.52 26.37
N SER A 160 -22.92 -10.80 26.01
CA SER A 160 -21.65 -11.27 25.47
C SER A 160 -21.64 -11.13 23.94
N PRO A 161 -20.44 -11.09 23.32
CA PRO A 161 -20.38 -11.02 21.86
C PRO A 161 -20.97 -12.26 21.21
N LEU A 162 -21.58 -12.09 20.03
CA LEU A 162 -22.19 -13.20 19.30
C LEU A 162 -21.15 -14.23 18.86
N ARG A 163 -21.56 -15.49 18.79
CA ARG A 163 -20.64 -16.59 18.49
C ARG A 163 -20.34 -16.68 17.00
N VAL A 164 -19.11 -17.05 16.66
CA VAL A 164 -18.69 -17.24 15.28
C VAL A 164 -18.62 -18.73 14.94
N THR A 165 -19.34 -19.11 13.89
CA THR A 165 -19.29 -20.48 13.38
C THR A 165 -18.39 -20.56 12.14
N HIS A 166 -17.49 -21.53 12.15
CA HIS A 166 -16.51 -21.70 11.07
C HIS A 166 -16.84 -22.87 10.16
N ILE A 167 -17.51 -22.58 9.05
CA ILE A 167 -17.84 -23.60 8.06
C ILE A 167 -16.64 -23.86 7.16
N LYS A 168 -16.05 -25.04 7.30
CA LYS A 168 -14.88 -25.43 6.51
C LYS A 168 -15.28 -25.63 5.04
N VAL A 169 -14.56 -24.96 4.14
CA VAL A 169 -14.80 -25.06 2.71
C VAL A 169 -13.65 -25.80 2.05
N MET A 170 -13.95 -26.96 1.47
CA MET A 170 -12.92 -27.82 0.90
C MET A 170 -12.81 -27.63 -0.62
N CYS A 171 -11.62 -27.90 -1.16
CA CYS A 171 -11.38 -27.77 -2.60
C CYS A 171 -10.98 -29.11 -3.23
N GLU A 172 -11.63 -30.18 -2.79
CA GLU A 172 -11.36 -31.54 -3.29
C GLU A 172 -11.75 -31.71 -4.76
N GLY A 173 -10.78 -32.12 -5.56
CA GLY A 173 -10.97 -32.33 -7.00
C GLY A 173 -11.11 -31.04 -7.80
N GLY A 174 -10.54 -29.96 -7.28
CA GLY A 174 -10.61 -28.65 -7.93
C GLY A 174 -11.97 -27.98 -7.85
N ARG A 175 -12.87 -28.57 -7.06
CA ARG A 175 -14.23 -28.04 -6.89
C ARG A 175 -14.52 -27.72 -5.43
N TYR A 176 -15.27 -26.65 -5.20
CA TYR A 176 -15.57 -26.17 -3.86
C TYR A 176 -16.84 -26.83 -3.29
N THR A 177 -16.75 -27.26 -2.04
CA THR A 177 -17.88 -27.89 -1.33
C THR A 177 -17.75 -27.73 0.19
N VAL A 178 -18.89 -27.70 0.89
CA VAL A 178 -18.89 -27.63 2.35
C VAL A 178 -18.99 -29.03 2.98
N GLY A 179 -18.69 -30.05 2.19
CA GLY A 179 -18.77 -31.43 2.64
C GLY A 179 -20.09 -32.09 2.27
N GLY A 180 -20.96 -31.31 1.62
CA GLY A 180 -22.27 -31.79 1.20
C GLY A 180 -22.27 -32.49 -0.14
N LEU A 181 -23.46 -32.76 -0.65
CA LEU A 181 -23.65 -33.51 -1.89
C LEU A 181 -23.26 -32.70 -3.13
N GLU A 182 -23.51 -31.39 -3.08
CA GLU A 182 -23.26 -30.49 -4.20
C GLU A 182 -21.88 -29.84 -4.15
N THR A 183 -21.29 -29.66 -5.32
CA THR A 183 -19.99 -29.00 -5.46
C THR A 183 -20.14 -27.81 -6.41
N PHE A 184 -19.17 -26.89 -6.36
CA PHE A 184 -19.23 -25.67 -7.17
C PHE A 184 -17.95 -25.41 -7.94
N ASP A 185 -18.10 -24.72 -9.08
CA ASP A 185 -16.98 -24.34 -9.92
C ASP A 185 -16.11 -23.28 -9.25
N SER A 186 -16.76 -22.32 -8.60
CA SER A 186 -16.08 -21.22 -7.93
C SER A 186 -16.68 -20.91 -6.57
N LEU A 187 -15.89 -20.26 -5.72
CA LEU A 187 -16.35 -19.79 -4.40
C LEU A 187 -17.55 -18.87 -4.54
N THR A 188 -17.51 -17.98 -5.53
CA THR A 188 -18.59 -17.04 -5.77
C THR A 188 -19.91 -17.79 -5.96
N ASP A 189 -19.87 -18.85 -6.77
CA ASP A 189 -21.02 -19.70 -7.01
C ASP A 189 -21.50 -20.36 -5.72
N LEU A 190 -20.56 -20.89 -4.94
CA LEU A 190 -20.85 -21.51 -3.66
C LEU A 190 -21.54 -20.53 -2.70
N VAL A 191 -20.91 -19.37 -2.52
CA VAL A 191 -21.44 -18.35 -1.62
C VAL A 191 -22.82 -17.88 -2.05
N GLU A 192 -22.97 -17.54 -3.33
CA GLU A 192 -24.25 -17.07 -3.87
C GLU A 192 -25.38 -18.08 -3.66
N HIS A 193 -25.03 -19.36 -3.72
CA HIS A 193 -25.99 -20.44 -3.50
C HIS A 193 -26.45 -20.46 -2.04
N PHE A 194 -25.50 -20.44 -1.12
CA PHE A 194 -25.81 -20.53 0.31
C PHE A 194 -26.41 -19.24 0.89
N LYS A 195 -26.38 -18.17 0.09
CA LYS A 195 -27.09 -16.94 0.42
C LYS A 195 -28.60 -17.15 0.28
N LYS A 196 -28.98 -17.99 -0.67
CA LYS A 196 -30.38 -18.29 -0.96
C LYS A 196 -30.92 -19.36 -0.02
N THR A 197 -30.18 -20.47 0.11
CA THR A 197 -30.66 -21.66 0.81
C THR A 197 -30.25 -21.71 2.27
N GLY A 198 -28.99 -21.33 2.55
CA GLY A 198 -28.43 -21.40 3.90
C GLY A 198 -27.69 -22.70 4.12
N ILE A 199 -26.76 -22.69 5.08
CA ILE A 199 -26.01 -23.88 5.46
C ILE A 199 -26.75 -24.65 6.55
N GLU A 200 -27.07 -25.92 6.27
CA GLU A 200 -27.85 -26.72 7.20
C GLU A 200 -27.02 -27.22 8.37
N GLU A 201 -26.17 -28.22 8.14
CA GLU A 201 -25.36 -28.80 9.22
C GLU A 201 -26.14 -29.93 9.91
N ALA A 202 -25.43 -31.00 10.26
CA ALA A 202 -26.02 -32.25 10.75
C ALA A 202 -27.09 -32.10 11.84
N SER A 203 -26.85 -31.19 12.79
CA SER A 203 -27.73 -31.00 13.95
C SER A 203 -29.10 -30.41 13.61
N GLY A 204 -29.25 -29.88 12.41
CA GLY A 204 -30.52 -29.31 11.96
C GLY A 204 -30.57 -27.80 12.09
N ALA A 205 -29.65 -27.24 12.88
CA ALA A 205 -29.51 -25.79 13.04
C ALA A 205 -29.17 -25.13 11.70
N PHE A 206 -29.25 -23.81 11.64
CA PHE A 206 -28.96 -23.11 10.39
C PHE A 206 -28.01 -21.93 10.52
N VAL A 207 -27.20 -21.76 9.48
CA VAL A 207 -26.31 -20.61 9.36
C VAL A 207 -26.64 -19.91 8.04
N TYR A 208 -27.06 -18.65 8.14
CA TYR A 208 -27.45 -17.85 6.98
C TYR A 208 -26.39 -16.81 6.61
N LEU A 209 -26.43 -16.35 5.36
CA LEU A 209 -25.50 -15.33 4.87
C LEU A 209 -26.29 -14.15 4.31
N ARG A 210 -26.24 -13.02 5.01
CA ARG A 210 -27.06 -11.85 4.65
C ARG A 210 -26.24 -10.65 4.20
N GLN A 211 -25.15 -10.38 4.93
CA GLN A 211 -24.28 -9.22 4.65
C GLN A 211 -22.81 -9.63 4.71
N PRO A 212 -22.02 -9.23 3.69
CA PRO A 212 -20.59 -9.58 3.69
C PRO A 212 -19.72 -8.57 4.43
N TYR A 213 -18.71 -9.08 5.14
CA TYR A 213 -17.72 -8.23 5.77
C TYR A 213 -16.57 -8.02 4.77
N TYR A 214 -16.49 -6.80 4.23
CA TYR A 214 -15.59 -6.49 3.12
C TYR A 214 -14.12 -6.37 3.55
N ALA A 215 -13.25 -6.82 2.66
CA ALA A 215 -11.80 -6.67 2.82
C ALA A 215 -11.30 -5.52 1.93
N THR A 216 -10.18 -4.93 2.32
CA THR A 216 -9.52 -3.93 1.48
C THR A 216 -8.18 -4.47 1.00
N ARG A 217 -7.59 -5.37 1.80
CA ARG A 217 -6.40 -6.11 1.39
C ARG A 217 -6.65 -6.77 0.05
N VAL A 218 -5.84 -6.41 -0.94
CA VAL A 218 -5.94 -7.00 -2.27
C VAL A 218 -4.55 -7.37 -2.77
N ASN A 219 -4.45 -8.50 -3.46
CA ASN A 219 -3.20 -8.90 -4.09
C ASN A 219 -2.88 -7.93 -5.22
N ALA A 220 -1.72 -7.29 -5.14
CA ALA A 220 -1.31 -6.23 -6.06
C ALA A 220 -1.55 -6.58 -7.52
N ALA A 221 -1.21 -7.82 -7.89
CA ALA A 221 -1.31 -8.30 -9.27
C ALA A 221 -2.75 -8.42 -9.77
N ASP A 222 -3.70 -8.58 -8.84
CA ASP A 222 -5.11 -8.72 -9.18
C ASP A 222 -5.94 -7.49 -8.75
N ILE A 223 -5.31 -6.32 -8.81
CA ILE A 223 -5.99 -5.06 -8.48
C ILE A 223 -6.96 -4.65 -9.59
N GLU A 224 -6.70 -5.12 -10.81
CA GLU A 224 -7.57 -4.87 -11.96
C GLU A 224 -8.97 -5.43 -11.72
N ASN A 225 -9.04 -6.63 -11.17
CA ASN A 225 -10.31 -7.27 -10.81
C ASN A 225 -11.04 -6.52 -9.69
N ARG A 226 -10.26 -5.95 -8.78
CA ARG A 226 -10.81 -5.16 -7.68
C ARG A 226 -11.39 -3.83 -8.16
N VAL A 227 -10.71 -3.18 -9.11
CA VAL A 227 -11.18 -1.91 -9.65
C VAL A 227 -12.51 -2.08 -10.40
N LEU A 228 -12.69 -3.24 -11.01
CA LEU A 228 -13.95 -3.61 -11.65
C LEU A 228 -15.05 -3.81 -10.63
N GLU A 229 -14.69 -4.44 -9.50
CA GLU A 229 -15.63 -4.71 -8.43
C GLU A 229 -16.05 -3.40 -7.76
N LEU A 230 -15.09 -2.49 -7.58
CA LEU A 230 -15.35 -1.22 -6.90
C LEU A 230 -16.12 -0.22 -7.77
N ASN A 231 -16.17 -0.48 -9.07
CA ASN A 231 -16.98 0.30 -10.00
C ASN A 231 -18.46 -0.06 -9.93
N LYS A 232 -18.73 -1.32 -9.57
CA LYS A 232 -20.11 -1.82 -9.45
C LYS A 232 -20.85 -1.08 -8.35
N LYS A 233 -22.00 -0.52 -8.70
CA LYS A 233 -22.81 0.26 -7.75
C LYS A 233 -23.86 -0.62 -7.03
N GLN A 234 -23.37 -1.69 -6.41
CA GLN A 234 -24.25 -2.66 -5.74
C GLN A 234 -24.26 -2.50 -4.23
N GLU A 235 -25.47 -2.57 -3.65
CA GLU A 235 -25.68 -2.44 -2.21
C GLU A 235 -27.07 -2.97 -1.83
N SER A 236 -27.16 -3.57 -0.64
CA SER A 236 -28.42 -4.09 -0.11
C SER A 236 -29.37 -2.97 0.35
N GLU A 237 -28.79 -1.84 0.73
CA GLU A 237 -29.54 -0.67 1.19
C GLU A 237 -30.12 0.13 0.00
N ASP A 238 -29.54 -0.07 -1.18
CA ASP A 238 -29.94 0.59 -2.43
C ASP A 238 -29.47 2.05 -2.51
N THR A 239 -29.16 2.49 -3.74
CA THR A 239 -28.61 3.81 -4.04
C THR A 239 -27.36 4.17 -3.22
N ALA A 240 -26.27 3.44 -3.49
CA ALA A 240 -24.96 3.70 -2.89
C ALA A 240 -23.91 3.89 -3.98
N LYS A 241 -24.01 5.01 -4.68
CA LYS A 241 -23.19 5.32 -5.86
C LYS A 241 -21.76 4.79 -5.85
N ALA A 242 -21.58 3.61 -6.42
CA ALA A 242 -20.27 2.94 -6.59
C ALA A 242 -19.70 2.35 -5.29
N GLY A 243 -18.82 1.35 -5.45
CA GLY A 243 -18.11 0.74 -4.33
C GLY A 243 -16.88 1.53 -3.91
N PHE A 244 -16.43 2.43 -4.79
CA PHE A 244 -15.36 3.37 -4.48
C PHE A 244 -15.81 4.39 -3.45
N TRP A 245 -17.05 4.86 -3.59
CA TRP A 245 -17.67 5.83 -2.68
C TRP A 245 -17.68 5.32 -1.25
N GLU A 246 -17.99 4.04 -1.08
CA GLU A 246 -18.04 3.43 0.25
C GLU A 246 -16.67 3.35 0.93
N GLU A 247 -15.66 2.92 0.17
CA GLU A 247 -14.28 2.86 0.67
C GLU A 247 -13.75 4.24 1.05
N PHE A 248 -14.11 5.25 0.26
CA PHE A 248 -13.69 6.63 0.52
C PHE A 248 -14.47 7.26 1.66
N GLU A 249 -15.74 6.87 1.80
CA GLU A 249 -16.58 7.32 2.91
C GLU A 249 -16.06 6.77 4.24
N SER A 250 -15.51 5.56 4.21
CA SER A 250 -14.87 4.97 5.38
C SER A 250 -13.74 5.85 5.89
N LEU A 251 -13.01 6.47 4.96
CA LEU A 251 -11.92 7.37 5.29
C LEU A 251 -12.41 8.73 5.77
N GLN A 252 -13.39 9.27 5.05
CA GLN A 252 -13.92 10.60 5.36
C GLN A 252 -14.68 10.65 6.69
N LYS A 253 -15.43 9.59 6.99
CA LYS A 253 -16.20 9.50 8.23
C LYS A 253 -15.29 9.17 9.43
N GLN A 254 -14.08 8.73 9.15
CA GLN A 254 -13.09 8.40 10.18
C GLN A 254 -12.30 9.63 10.63
N GLU A 255 -12.60 10.78 10.04
CA GLU A 255 -11.92 12.04 10.37
C GLU A 255 -12.37 12.63 11.70
N VAL A 256 -13.50 12.15 12.22
CA VAL A 256 -14.01 12.57 13.52
C VAL A 256 -13.11 12.08 14.68
N LYS A 257 -12.41 10.97 14.43
CA LYS A 257 -11.49 10.39 15.39
C LYS A 257 -10.05 10.75 15.02
N ASN A 258 -9.84 12.01 14.59
CA ASN A 258 -8.53 12.49 14.17
C ASN A 258 -8.23 13.90 14.70
N LEU A 259 -8.72 14.20 15.90
CA LEU A 259 -8.49 15.50 16.53
C LEU A 259 -7.10 15.58 17.15
N HIS A 260 -6.17 16.20 16.43
CA HIS A 260 -4.79 16.37 16.91
C HIS A 260 -4.32 17.82 16.84
N GLN A 261 -3.35 18.15 17.67
CA GLN A 261 -2.88 19.53 17.85
C GLN A 261 -2.34 20.15 16.56
N ARG A 262 -2.81 21.36 16.27
CA ARG A 262 -2.36 22.15 15.12
C ARG A 262 -2.10 23.59 15.56
N LEU A 263 -1.59 23.75 16.78
CA LEU A 263 -1.44 25.06 17.42
C LEU A 263 -0.52 26.02 16.67
N GLU A 264 0.69 25.54 16.35
CA GLU A 264 1.71 26.34 15.70
C GLU A 264 1.23 27.03 14.42
N GLY A 265 0.39 26.33 13.67
CA GLY A 265 -0.18 26.88 12.45
C GLY A 265 -1.21 27.97 12.69
N GLN A 266 -1.81 27.95 13.88
CA GLN A 266 -2.86 28.90 14.25
C GLN A 266 -2.33 30.16 14.93
N ARG A 267 -1.01 30.24 15.10
CA ARG A 267 -0.36 31.44 15.61
C ARG A 267 -0.66 32.65 14.71
N PRO A 268 -0.94 33.81 15.32
CA PRO A 268 -1.24 35.03 14.56
C PRO A 268 -0.08 35.46 13.65
N GLU A 269 1.14 35.12 14.04
CA GLU A 269 2.34 35.44 13.28
C GLU A 269 2.48 34.57 12.02
N ASN A 270 1.70 33.48 11.98
CA ASN A 270 1.75 32.54 10.87
C ASN A 270 0.52 32.60 9.96
N LYS A 271 -0.37 33.56 10.23
CA LYS A 271 -1.62 33.71 9.49
C LYS A 271 -1.43 33.84 7.98
N GLY A 272 -0.47 34.67 7.57
CA GLY A 272 -0.19 34.92 6.16
C GLY A 272 0.71 33.87 5.52
N LYS A 273 1.16 32.90 6.32
CA LYS A 273 2.04 31.84 5.85
C LYS A 273 1.27 30.63 5.33
N ASN A 274 0.00 30.54 5.69
CA ASN A 274 -0.89 29.49 5.21
C ASN A 274 -1.72 29.98 4.04
N ARG A 275 -1.83 29.15 3.01
CA ARG A 275 -2.66 29.47 1.86
C ARG A 275 -4.14 29.40 2.26
N TYR A 276 -4.44 28.47 3.16
CA TYR A 276 -5.79 28.31 3.69
C TYR A 276 -5.77 28.23 5.21
N LYS A 277 -6.69 28.94 5.85
CA LYS A 277 -6.77 29.02 7.31
C LYS A 277 -7.11 27.65 7.92
N ASN A 278 -7.98 26.90 7.24
CA ASN A 278 -8.49 25.64 7.74
C ASN A 278 -7.57 24.44 7.51
N ILE A 279 -6.59 24.59 6.63
CA ILE A 279 -5.68 23.50 6.30
C ILE A 279 -4.29 23.73 6.92
N LEU A 280 -3.97 22.92 7.93
CA LEU A 280 -2.79 23.15 8.77
C LEU A 280 -2.02 21.86 9.08
N PRO A 281 -0.70 21.98 9.34
CA PRO A 281 0.11 20.81 9.68
C PRO A 281 -0.06 20.36 11.13
N PHE A 282 -0.17 19.05 11.34
CA PHE A 282 -0.16 18.48 12.69
C PHE A 282 1.16 18.83 13.36
N ASP A 283 1.08 19.28 14.61
CA ASP A 283 2.26 19.75 15.33
C ASP A 283 3.32 18.67 15.55
N HIS A 284 2.88 17.41 15.62
CA HIS A 284 3.78 16.29 15.86
C HIS A 284 4.63 15.93 14.63
N SER A 285 4.12 16.26 13.45
CA SER A 285 4.77 15.87 12.21
C SER A 285 5.20 17.06 11.33
N ARG A 286 4.97 18.28 11.81
CA ARG A 286 5.33 19.48 11.06
C ARG A 286 6.85 19.60 10.85
N VAL A 287 7.23 20.14 9.70
CA VAL A 287 8.63 20.46 9.43
C VAL A 287 8.99 21.72 10.21
N ILE A 288 10.07 21.65 10.98
CA ILE A 288 10.51 22.79 11.79
C ILE A 288 11.76 23.42 11.18
N LEU A 289 11.63 24.68 10.79
CA LEU A 289 12.72 25.41 10.13
C LEU A 289 13.85 25.77 11.09
N GLN A 290 15.07 25.47 10.66
CA GLN A 290 16.27 25.72 11.46
C GLN A 290 16.90 27.08 11.11
N GLY A 291 17.79 27.56 11.99
CA GLY A 291 18.50 28.82 11.78
C GLY A 291 17.62 30.04 11.93
N ARG A 292 16.70 30.01 12.88
CA ARG A 292 15.84 31.15 13.17
C ARG A 292 15.98 31.63 14.61
N ASP A 293 15.46 32.83 14.89
CA ASP A 293 15.69 33.53 16.16
C ASP A 293 15.01 32.88 17.37
N SER A 294 13.87 32.23 17.14
CA SER A 294 13.04 31.59 18.19
C SER A 294 12.37 32.59 19.14
N ASN A 295 13.08 33.67 19.48
CA ASN A 295 12.50 34.77 20.24
C ASN A 295 11.55 35.62 19.39
N ILE A 296 11.59 35.39 18.07
CA ILE A 296 10.56 35.89 17.18
C ILE A 296 9.50 34.79 17.03
N PRO A 297 8.28 35.05 17.55
CA PRO A 297 7.21 34.04 17.52
C PRO A 297 6.88 33.55 16.12
N GLY A 298 6.91 32.23 15.95
CA GLY A 298 6.56 31.58 14.69
C GLY A 298 7.57 31.69 13.57
N SER A 299 8.83 31.94 13.93
CA SER A 299 9.89 32.06 12.93
C SER A 299 10.28 30.72 12.31
N ASP A 300 10.09 29.64 13.06
CA ASP A 300 10.44 28.29 12.62
C ASP A 300 9.36 27.62 11.77
N TYR A 301 8.32 28.38 11.44
CA TYR A 301 7.11 27.80 10.84
C TYR A 301 7.12 27.68 9.33
N ILE A 302 6.76 26.49 8.86
CA ILE A 302 6.41 26.25 7.45
C ILE A 302 5.25 25.27 7.40
N ASN A 303 4.28 25.53 6.53
CA ASN A 303 3.11 24.67 6.37
C ASN A 303 3.49 23.39 5.60
N ALA A 304 4.13 22.46 6.31
CA ALA A 304 4.63 21.22 5.71
C ALA A 304 4.77 20.11 6.73
N ASN A 305 4.59 18.87 6.29
CA ASN A 305 4.70 17.70 7.17
C ASN A 305 5.60 16.62 6.59
N TYR A 306 6.39 15.99 7.46
CA TYR A 306 7.14 14.79 7.12
C TYR A 306 6.15 13.64 6.93
N ILE A 307 6.22 12.96 5.79
CA ILE A 307 5.38 11.79 5.56
C ILE A 307 6.23 10.61 5.10
N LYS A 308 6.13 9.50 5.83
CA LYS A 308 6.84 8.26 5.48
C LYS A 308 5.96 7.03 5.68
N ASN A 309 6.36 5.92 5.08
CA ASN A 309 5.61 4.68 5.17
C ASN A 309 5.75 4.02 6.54
N GLN A 310 4.79 4.30 7.41
CA GLN A 310 4.76 3.74 8.76
C GLN A 310 4.35 2.26 8.78
N LEU A 311 3.60 1.84 7.75
CA LEU A 311 3.18 0.45 7.60
C LEU A 311 4.26 -0.39 6.90
N LEU A 312 5.50 -0.26 7.36
CA LEU A 312 6.61 -0.98 6.76
C LEU A 312 7.47 -1.65 7.83
N GLY A 313 8.09 -2.77 7.47
CA GLY A 313 8.84 -3.62 8.41
C GLY A 313 9.92 -2.93 9.23
N PRO A 314 10.43 -3.62 10.27
CA PRO A 314 11.43 -3.06 11.17
C PRO A 314 12.79 -2.82 10.48
N ASP A 315 13.29 -1.59 10.62
CA ASP A 315 14.62 -1.18 10.12
C ASP A 315 14.84 -1.30 8.60
N GLU A 316 13.79 -1.64 7.86
CA GLU A 316 13.88 -1.72 6.40
C GLU A 316 13.59 -0.34 5.76
N ASN A 317 14.56 0.14 5.00
CA ASN A 317 14.51 1.50 4.46
C ASN A 317 13.58 1.67 3.26
N ALA A 318 13.06 2.88 3.12
CA ALA A 318 12.21 3.28 2.00
C ALA A 318 12.33 4.78 1.78
N LYS A 319 11.65 5.29 0.76
CA LYS A 319 11.59 6.73 0.50
C LYS A 319 10.81 7.42 1.61
N THR A 320 11.31 8.58 2.04
CA THR A 320 10.57 9.45 2.93
C THR A 320 10.19 10.72 2.17
N TYR A 321 9.11 11.36 2.58
CA TYR A 321 8.57 12.49 1.84
C TYR A 321 8.36 13.69 2.75
N ILE A 322 8.17 14.85 2.14
CA ILE A 322 7.65 16.03 2.82
C ILE A 322 6.51 16.55 1.97
N ALA A 323 5.31 16.63 2.55
CA ALA A 323 4.18 17.20 1.87
C ALA A 323 4.01 18.66 2.27
N SER A 324 4.28 19.55 1.33
CA SER A 324 4.22 20.99 1.56
C SER A 324 3.11 21.64 0.75
N GLN A 325 2.78 22.89 1.07
CA GLN A 325 1.86 23.67 0.26
C GLN A 325 2.62 24.48 -0.79
N GLY A 326 1.92 24.83 -1.86
CA GLY A 326 2.50 25.69 -2.89
C GLY A 326 2.97 26.99 -2.29
N CYS A 327 4.17 27.41 -2.67
CA CYS A 327 4.81 28.60 -2.11
C CYS A 327 3.97 29.86 -2.28
N LEU A 328 3.92 30.66 -1.23
CA LEU A 328 3.36 32.00 -1.28
C LEU A 328 4.53 32.96 -1.42
N GLU A 329 4.23 34.22 -1.79
CA GLU A 329 5.25 35.25 -1.94
C GLU A 329 6.19 35.32 -0.73
N ALA A 330 5.63 35.26 0.47
CA ALA A 330 6.40 35.34 1.71
C ALA A 330 7.15 34.06 2.05
N THR A 331 6.55 32.93 1.76
CA THR A 331 7.07 31.62 2.15
C THR A 331 8.22 31.12 1.26
N VAL A 332 8.42 31.78 0.13
CA VAL A 332 9.40 31.37 -0.87
C VAL A 332 10.77 31.04 -0.25
N ASN A 333 11.30 31.94 0.56
CA ASN A 333 12.61 31.75 1.19
C ASN A 333 12.64 30.59 2.18
N ASP A 334 11.53 30.40 2.90
CA ASP A 334 11.37 29.32 3.86
C ASP A 334 11.41 27.95 3.20
N PHE A 335 10.84 27.87 2.00
CA PHE A 335 10.84 26.63 1.23
C PHE A 335 12.27 26.11 1.04
N TRP A 336 13.15 26.99 0.57
CA TRP A 336 14.55 26.63 0.34
C TRP A 336 15.29 26.28 1.63
N GLN A 337 14.94 26.97 2.72
CA GLN A 337 15.48 26.65 4.03
C GLN A 337 15.12 25.21 4.40
N MET A 338 13.86 24.85 4.22
CA MET A 338 13.41 23.48 4.42
C MET A 338 14.16 22.52 3.52
N ALA A 339 14.18 22.84 2.21
CA ALA A 339 14.86 22.01 1.23
C ALA A 339 16.34 21.79 1.57
N TRP A 340 16.99 22.84 2.10
CA TRP A 340 18.38 22.74 2.45
C TRP A 340 18.62 21.86 3.67
N GLN A 341 17.92 22.16 4.76
CA GLN A 341 18.12 21.45 6.03
C GLN A 341 17.77 19.97 5.94
N GLU A 342 16.76 19.64 5.14
CA GLU A 342 16.31 18.26 4.98
C GLU A 342 17.15 17.51 3.94
N ASN A 343 18.00 18.24 3.22
CA ASN A 343 18.88 17.67 2.20
C ASN A 343 18.13 17.04 1.03
N SER A 344 16.97 17.64 0.71
CA SER A 344 16.15 17.19 -0.40
C SER A 344 16.85 17.46 -1.73
N ARG A 345 16.81 16.48 -2.63
CA ARG A 345 17.47 16.56 -3.91
C ARG A 345 16.51 16.40 -5.08
N VAL A 346 15.28 15.99 -4.76
CA VAL A 346 14.20 15.88 -5.73
C VAL A 346 13.00 16.66 -5.22
N ILE A 347 12.39 17.47 -6.09
CA ILE A 347 11.19 18.20 -5.74
C ILE A 347 10.09 17.91 -6.75
N VAL A 348 8.88 17.64 -6.26
CA VAL A 348 7.74 17.32 -7.12
C VAL A 348 6.62 18.36 -6.98
N MET A 349 6.44 19.15 -8.04
CA MET A 349 5.42 20.18 -8.09
C MET A 349 4.29 19.70 -8.98
N THR A 350 3.10 19.52 -8.40
CA THR A 350 1.99 18.88 -9.10
C THR A 350 0.92 19.85 -9.60
N THR A 351 1.34 21.10 -9.87
CA THR A 351 0.42 22.15 -10.30
C THR A 351 1.07 23.13 -11.27
N ARG A 352 0.25 23.93 -11.95
CA ARG A 352 0.74 25.04 -12.77
C ARG A 352 0.98 26.24 -11.88
N GLU A 353 1.59 27.29 -12.45
CA GLU A 353 1.80 28.55 -11.74
C GLU A 353 0.50 29.34 -11.62
N VAL A 354 -0.28 29.36 -12.71
CA VAL A 354 -1.59 30.02 -12.72
C VAL A 354 -2.64 29.08 -13.33
N GLU A 355 -3.69 28.80 -12.56
CA GLU A 355 -4.78 27.93 -13.01
C GLU A 355 -6.12 28.68 -12.98
N LYS A 356 -6.74 28.84 -14.16
CA LYS A 356 -8.00 29.56 -14.33
C LYS A 356 -7.97 31.00 -13.80
N GLY A 357 -6.78 31.62 -13.86
CA GLY A 357 -6.59 32.97 -13.34
C GLY A 357 -6.71 33.04 -11.82
N ARG A 358 -6.07 32.10 -11.14
CA ARG A 358 -6.13 31.99 -9.68
C ARG A 358 -4.84 31.39 -9.12
N ASN A 359 -4.36 31.98 -8.03
CA ASN A 359 -3.07 31.59 -7.45
C ASN A 359 -3.06 30.23 -6.74
N LYS A 360 -2.25 29.32 -7.28
CA LYS A 360 -2.05 28.00 -6.68
C LYS A 360 -0.62 27.84 -6.16
N CYS A 361 0.33 28.48 -6.84
CA CYS A 361 1.74 28.47 -6.45
C CYS A 361 2.52 29.53 -7.22
N VAL A 362 3.39 30.26 -6.52
CA VAL A 362 4.32 31.19 -7.15
C VAL A 362 5.70 30.55 -7.32
N PRO A 363 6.37 30.79 -8.46
CA PRO A 363 7.68 30.18 -8.71
C PRO A 363 8.73 30.56 -7.68
N TYR A 364 9.67 29.65 -7.44
CA TYR A 364 10.75 29.86 -6.48
C TYR A 364 12.11 29.49 -7.11
N TRP A 365 12.18 29.62 -8.43
CA TRP A 365 13.39 29.34 -9.18
C TRP A 365 13.69 30.46 -10.17
N PRO A 366 14.97 30.74 -10.43
CA PRO A 366 15.33 31.64 -11.51
C PRO A 366 15.14 30.95 -12.85
N GLU A 367 15.14 31.72 -13.94
CA GLU A 367 15.05 31.13 -15.27
C GLU A 367 16.40 30.59 -15.73
N VAL A 368 16.39 29.87 -16.85
CA VAL A 368 17.56 29.20 -17.40
C VAL A 368 18.72 30.17 -17.59
N GLY A 369 19.85 29.87 -16.95
CA GLY A 369 21.03 30.74 -17.01
C GLY A 369 21.10 31.74 -15.87
N MET A 370 19.96 32.06 -15.28
CA MET A 370 19.88 33.04 -14.20
C MET A 370 20.24 32.47 -12.83
N GLN A 371 20.59 33.36 -11.92
CA GLN A 371 20.97 32.99 -10.57
C GLN A 371 20.39 34.03 -9.61
N ARG A 372 19.49 33.57 -8.73
CA ARG A 372 18.82 34.45 -7.77
C ARG A 372 19.09 33.99 -6.34
N ALA A 373 19.21 34.95 -5.43
CA ALA A 373 19.36 34.67 -4.01
C ALA A 373 18.00 34.53 -3.36
N TYR A 374 17.83 33.45 -2.59
CA TYR A 374 16.60 33.20 -1.86
C TYR A 374 16.91 33.08 -0.37
N GLY A 375 16.88 34.22 0.32
CA GLY A 375 17.31 34.28 1.70
C GLY A 375 18.82 34.12 1.76
N PRO A 376 19.31 33.17 2.60
CA PRO A 376 20.74 32.93 2.70
C PRO A 376 21.28 31.95 1.65
N TYR A 377 20.46 31.59 0.66
CA TYR A 377 20.85 30.60 -0.35
C TYR A 377 20.84 31.16 -1.76
N SER A 378 21.82 30.73 -2.55
CA SER A 378 21.91 31.09 -3.96
C SER A 378 21.52 29.88 -4.78
N VAL A 379 20.67 30.09 -5.79
CA VAL A 379 20.26 29.00 -6.68
C VAL A 379 20.33 29.39 -8.15
N THR A 380 20.85 28.47 -8.97
CA THR A 380 21.00 28.69 -10.40
C THR A 380 20.13 27.69 -11.16
N ASN A 381 19.51 28.16 -12.24
CA ASN A 381 18.75 27.27 -13.12
C ASN A 381 19.65 26.85 -14.28
N CYS A 382 20.28 25.70 -14.11
CA CYS A 382 21.25 25.21 -15.08
C CYS A 382 20.64 24.66 -16.37
N GLY A 383 19.35 24.31 -16.34
CA GLY A 383 18.68 23.81 -17.54
C GLY A 383 17.22 23.38 -17.38
N GLU A 384 16.47 23.52 -18.48
CA GLU A 384 15.08 23.06 -18.54
C GLU A 384 14.88 22.06 -19.66
N HIS A 385 14.09 21.02 -19.39
CA HIS A 385 13.72 20.03 -20.39
C HIS A 385 12.20 19.87 -20.40
N ASP A 386 11.60 19.99 -21.59
CA ASP A 386 10.15 19.92 -21.75
C ASP A 386 9.65 18.57 -22.23
N THR A 387 8.73 17.97 -21.47
CA THR A 387 8.02 16.78 -21.90
C THR A 387 6.56 17.15 -22.09
N THR A 388 5.79 16.25 -22.69
CA THR A 388 4.34 16.44 -22.86
C THR A 388 3.67 16.79 -21.53
N GLU A 389 3.94 15.98 -20.52
CA GLU A 389 3.23 16.08 -19.24
C GLU A 389 3.97 16.93 -18.21
N TYR A 390 5.31 16.86 -18.22
CA TYR A 390 6.10 17.51 -17.18
C TYR A 390 7.31 18.30 -17.66
N LYS A 391 7.89 19.07 -16.73
CA LYS A 391 8.99 19.97 -16.99
C LYS A 391 10.10 19.72 -15.97
N LEU A 392 11.28 19.34 -16.46
CA LEU A 392 12.42 19.05 -15.61
C LEU A 392 13.36 20.25 -15.53
N ARG A 393 13.64 20.71 -14.32
CA ARG A 393 14.60 21.78 -14.11
C ARG A 393 15.77 21.28 -13.27
N THR A 394 16.98 21.42 -13.79
CA THR A 394 18.19 21.06 -13.07
C THR A 394 18.68 22.27 -12.28
N LEU A 395 18.33 22.31 -11.00
CA LEU A 395 18.68 23.42 -10.13
C LEU A 395 19.98 23.14 -9.40
N GLN A 396 20.69 24.22 -9.05
CA GLN A 396 21.95 24.11 -8.34
C GLN A 396 21.96 25.11 -7.19
N VAL A 397 21.87 24.61 -5.96
CA VAL A 397 21.76 25.47 -4.78
C VAL A 397 22.99 25.37 -3.87
N SER A 398 23.29 26.48 -3.19
CA SER A 398 24.40 26.57 -2.25
C SER A 398 24.19 27.76 -1.32
N PRO A 399 24.84 27.76 -0.13
CA PRO A 399 24.71 28.92 0.75
C PRO A 399 25.49 30.11 0.21
N LEU A 400 25.20 31.30 0.71
CA LEU A 400 25.86 32.51 0.25
C LEU A 400 27.25 32.70 0.85
N ASP A 401 27.34 32.55 2.18
CA ASP A 401 28.61 32.73 2.90
C ASP A 401 29.70 31.73 2.47
N ASN A 402 29.26 30.52 2.13
CA ASN A 402 30.16 29.51 1.58
C ASN A 402 30.08 29.52 0.05
N GLY A 403 29.79 28.36 -0.55
CA GLY A 403 29.70 28.25 -2.00
C GLY A 403 30.37 27.02 -2.56
N ASP A 404 31.16 26.33 -1.74
CA ASP A 404 31.79 25.08 -2.12
C ASP A 404 30.86 23.89 -1.89
N LEU A 405 29.74 24.12 -1.21
CA LEU A 405 28.78 23.09 -0.88
C LEU A 405 27.61 23.03 -1.87
N ILE A 406 27.91 23.15 -3.16
CA ILE A 406 26.89 23.17 -4.20
C ILE A 406 26.18 21.82 -4.28
N ARG A 407 24.85 21.86 -4.31
CA ARG A 407 24.03 20.64 -4.42
C ARG A 407 23.19 20.68 -5.68
N GLU A 408 23.13 19.55 -6.39
CA GLU A 408 22.25 19.40 -7.54
C GLU A 408 20.84 19.05 -7.09
N ILE A 409 19.88 19.89 -7.43
CA ILE A 409 18.48 19.65 -7.09
C ILE A 409 17.61 19.51 -8.34
N TRP A 410 17.01 18.33 -8.48
CA TRP A 410 16.18 18.02 -9.64
C TRP A 410 14.74 18.40 -9.37
N HIS A 411 14.24 19.35 -10.16
CA HIS A 411 12.89 19.88 -9.99
C HIS A 411 11.97 19.28 -11.04
N TYR A 412 10.92 18.60 -10.59
CA TYR A 412 9.95 17.96 -11.48
C TYR A 412 8.58 18.61 -11.36
N GLN A 413 8.17 19.33 -12.40
CA GLN A 413 6.88 20.01 -12.40
C GLN A 413 5.88 19.35 -13.36
N TYR A 414 4.86 18.71 -12.79
CA TYR A 414 3.78 18.13 -13.59
C TYR A 414 2.77 19.21 -13.92
N LEU A 415 2.54 19.41 -15.22
CA LEU A 415 1.63 20.45 -15.69
C LEU A 415 0.63 19.91 -16.70
N SER A 416 -0.07 18.84 -16.31
CA SER A 416 -1.03 18.17 -17.19
C SER A 416 -2.20 17.64 -16.37
N TRP A 417 -2.19 17.95 -15.07
CA TRP A 417 -3.27 17.58 -14.17
C TRP A 417 -4.43 18.56 -14.39
N PRO A 418 -5.61 18.03 -14.79
CA PRO A 418 -6.77 18.87 -15.13
C PRO A 418 -7.22 19.76 -13.98
N ASP A 419 -7.87 20.87 -14.32
CA ASP A 419 -8.39 21.83 -13.34
C ASP A 419 -9.46 21.20 -12.45
N HIS A 420 -10.33 20.40 -13.05
CA HIS A 420 -11.38 19.68 -12.33
C HIS A 420 -11.11 18.19 -12.34
N GLY A 421 -10.91 17.62 -11.15
CA GLY A 421 -10.76 16.17 -11.00
C GLY A 421 -9.34 15.66 -11.12
N VAL A 422 -9.19 14.59 -11.92
CA VAL A 422 -7.93 13.87 -12.06
C VAL A 422 -7.57 13.71 -13.55
N PRO A 423 -6.31 13.32 -13.85
CA PRO A 423 -5.92 13.02 -15.24
C PRO A 423 -6.84 12.01 -15.92
N SER A 424 -6.98 12.12 -17.24
CA SER A 424 -7.80 11.21 -18.03
C SER A 424 -7.25 9.79 -17.99
N GLU A 425 -5.93 9.66 -18.21
CA GLU A 425 -5.22 8.39 -18.08
C GLU A 425 -4.11 8.50 -17.04
N PRO A 426 -3.71 7.38 -16.42
CA PRO A 426 -2.66 7.42 -15.39
C PRO A 426 -1.24 7.33 -15.95
N GLY A 427 -1.12 7.09 -17.26
CA GLY A 427 0.16 6.81 -17.91
C GLY A 427 1.21 7.88 -17.72
N GLY A 428 0.79 9.14 -17.80
CA GLY A 428 1.69 10.28 -17.64
C GLY A 428 2.32 10.35 -16.27
N VAL A 429 1.49 10.25 -15.24
CA VAL A 429 1.93 10.28 -13.85
C VAL A 429 2.90 9.14 -13.52
N LEU A 430 2.65 7.97 -14.09
CA LEU A 430 3.52 6.80 -13.87
C LEU A 430 4.92 7.03 -14.45
N SER A 431 4.99 7.56 -15.67
CA SER A 431 6.26 7.92 -16.30
C SER A 431 6.94 9.01 -15.47
N PHE A 432 6.19 10.07 -15.21
CA PHE A 432 6.59 11.18 -14.33
C PHE A 432 7.23 10.67 -13.05
N LEU A 433 6.51 9.81 -12.34
CA LEU A 433 6.98 9.23 -11.08
C LEU A 433 8.15 8.29 -11.26
N ASP A 434 8.13 7.48 -12.32
CA ASP A 434 9.23 6.55 -12.62
C ASP A 434 10.57 7.27 -12.70
N GLN A 435 10.56 8.44 -13.33
CA GLN A 435 11.75 9.27 -13.46
C GLN A 435 12.18 9.84 -12.11
N ILE A 436 11.20 10.20 -11.29
CA ILE A 436 11.44 10.72 -9.94
C ILE A 436 12.06 9.64 -9.04
N ASN A 437 11.51 8.42 -9.14
CA ASN A 437 12.02 7.28 -8.38
C ASN A 437 13.47 6.96 -8.74
N GLN A 438 13.75 6.88 -10.03
CA GLN A 438 15.10 6.59 -10.52
C GLN A 438 16.12 7.61 -10.04
N ARG A 439 15.68 8.86 -9.92
CA ARG A 439 16.54 9.96 -9.46
C ARG A 439 16.93 9.78 -8.01
N GLN A 440 15.93 9.57 -7.15
CA GLN A 440 16.16 9.41 -5.71
C GLN A 440 17.01 8.19 -5.40
N GLU A 441 16.73 7.09 -6.11
CA GLU A 441 17.47 5.84 -5.93
C GLU A 441 18.94 5.99 -6.33
N SER A 442 19.20 6.79 -7.36
CA SER A 442 20.57 7.05 -7.82
C SER A 442 21.35 7.97 -6.87
N LEU A 443 20.63 8.61 -5.94
CA LEU A 443 21.25 9.50 -4.96
C LEU A 443 21.08 8.93 -3.55
N PRO A 444 22.11 8.22 -3.05
CA PRO A 444 22.04 7.45 -1.80
C PRO A 444 21.84 8.32 -0.55
N HIS A 445 22.51 9.47 -0.50
CA HIS A 445 22.48 10.34 0.68
C HIS A 445 21.36 11.38 0.66
N ALA A 446 20.47 11.26 -0.32
CA ALA A 446 19.39 12.24 -0.52
C ALA A 446 18.35 12.18 0.58
N GLY A 447 17.94 13.36 1.07
CA GLY A 447 16.87 13.47 2.05
C GLY A 447 15.50 13.30 1.42
N PRO A 448 14.43 13.70 2.14
CA PRO A 448 13.06 13.44 1.73
C PRO A 448 12.69 14.12 0.41
N ILE A 449 11.92 13.42 -0.42
CA ILE A 449 11.38 14.01 -1.64
C ILE A 449 10.29 15.00 -1.27
N ILE A 450 10.49 16.27 -1.61
CA ILE A 450 9.49 17.29 -1.33
C ILE A 450 8.42 17.27 -2.41
N VAL A 451 7.18 17.05 -1.99
CA VAL A 451 6.03 17.07 -2.89
C VAL A 451 5.08 18.17 -2.45
N HIS A 452 4.73 19.06 -3.37
CA HIS A 452 3.84 20.18 -3.05
C HIS A 452 2.89 20.52 -4.19
N SER A 453 1.73 21.07 -3.83
CA SER A 453 0.70 21.43 -4.81
C SER A 453 0.17 22.84 -4.54
N SER A 454 -1.00 22.91 -3.92
CA SER A 454 -1.63 24.18 -3.59
C SER A 454 -1.82 24.26 -2.07
N ALA A 455 -2.66 23.38 -1.55
CA ALA A 455 -2.81 23.21 -0.11
C ALA A 455 -1.92 22.07 0.37
N GLY A 456 -1.47 21.26 -0.59
CA GLY A 456 -0.59 20.12 -0.32
C GLY A 456 -1.31 18.98 0.36
N ILE A 457 -2.50 18.66 -0.13
CA ILE A 457 -3.34 17.62 0.46
C ILE A 457 -3.88 16.62 -0.56
N GLY A 458 -4.57 17.12 -1.58
CA GLY A 458 -5.25 16.26 -2.56
C GLY A 458 -4.30 15.65 -3.56
N ARG A 459 -3.80 16.51 -4.46
CA ARG A 459 -2.86 16.10 -5.51
C ARG A 459 -1.58 15.46 -4.96
N THR A 460 -1.00 16.07 -3.92
CA THR A 460 0.23 15.56 -3.32
C THR A 460 -0.02 14.23 -2.59
N GLY A 461 -1.08 14.18 -1.80
CA GLY A 461 -1.49 12.95 -1.12
C GLY A 461 -1.60 11.80 -2.10
N THR A 462 -2.34 12.04 -3.18
CA THR A 462 -2.51 11.07 -4.26
C THR A 462 -1.16 10.56 -4.79
N ILE A 463 -0.27 11.49 -5.11
CA ILE A 463 1.08 11.17 -5.62
C ILE A 463 1.87 10.30 -4.64
N ILE A 464 1.95 10.73 -3.38
CA ILE A 464 2.67 9.99 -2.34
C ILE A 464 2.15 8.57 -2.18
N VAL A 465 0.83 8.42 -2.12
CA VAL A 465 0.23 7.10 -1.92
C VAL A 465 0.58 6.18 -3.07
N ILE A 466 0.40 6.66 -4.31
CA ILE A 466 0.79 5.89 -5.50
C ILE A 466 2.26 5.50 -5.43
N ASP A 467 3.11 6.46 -5.09
CA ASP A 467 4.55 6.25 -5.04
C ASP A 467 4.98 5.27 -3.94
N MET A 468 4.30 5.33 -2.80
CA MET A 468 4.53 4.39 -1.72
C MET A 468 4.17 2.98 -2.17
N LEU A 469 3.01 2.85 -2.81
CA LEU A 469 2.53 1.57 -3.33
C LEU A 469 3.39 1.02 -4.47
N MET A 470 3.88 1.90 -5.33
CA MET A 470 4.79 1.52 -6.40
C MET A 470 6.05 0.90 -5.82
N GLU A 471 6.70 1.62 -4.91
CA GLU A 471 7.91 1.15 -4.25
C GLU A 471 7.65 -0.20 -3.59
N ASN A 472 6.48 -0.35 -2.98
CA ASN A 472 6.08 -1.59 -2.33
C ASN A 472 6.05 -2.76 -3.32
N ILE A 473 5.71 -2.47 -4.57
CA ILE A 473 5.68 -3.49 -5.63
C ILE A 473 7.07 -3.67 -6.26
N SER A 474 7.86 -2.60 -6.28
CA SER A 474 9.22 -2.67 -6.82
C SER A 474 10.15 -3.40 -5.86
N THR A 475 9.87 -3.29 -4.56
CA THR A 475 10.68 -3.90 -3.52
C THR A 475 10.25 -5.34 -3.25
N LYS A 476 8.96 -5.53 -2.94
CA LYS A 476 8.43 -6.87 -2.63
C LYS A 476 8.05 -7.64 -3.90
N GLY A 477 8.03 -6.96 -5.05
CA GLY A 477 7.57 -7.56 -6.30
C GLY A 477 6.06 -7.59 -6.36
N LEU A 478 5.50 -7.81 -7.55
CA LEU A 478 4.05 -8.03 -7.66
C LEU A 478 3.68 -9.37 -7.02
N ASP A 479 2.38 -9.65 -6.91
CA ASP A 479 1.89 -10.77 -6.11
C ASP A 479 2.19 -10.50 -4.64
N CYS A 480 1.92 -9.27 -4.20
CA CYS A 480 2.16 -8.84 -2.83
C CYS A 480 0.91 -8.22 -2.23
N ASP A 481 0.95 -7.97 -0.93
CA ASP A 481 -0.16 -7.34 -0.23
C ASP A 481 -0.24 -5.85 -0.53
N ILE A 482 -1.46 -5.39 -0.77
CA ILE A 482 -1.75 -3.96 -0.95
C ILE A 482 -3.11 -3.63 -0.34
N ASP A 483 -3.12 -2.65 0.55
CA ASP A 483 -4.35 -2.09 1.10
C ASP A 483 -4.27 -0.59 0.91
N ILE A 484 -5.03 -0.08 -0.07
CA ILE A 484 -4.97 1.35 -0.42
C ILE A 484 -5.62 2.23 0.66
N GLN A 485 -6.80 1.83 1.12
CA GLN A 485 -7.51 2.56 2.17
C GLN A 485 -6.64 2.74 3.41
N LYS A 486 -5.97 1.67 3.83
CA LYS A 486 -5.10 1.71 5.02
C LYS A 486 -3.88 2.59 4.79
N THR A 487 -3.25 2.44 3.63
CA THR A 487 -2.09 3.25 3.25
C THR A 487 -2.42 4.73 3.33
N ILE A 488 -3.57 5.11 2.79
CA ILE A 488 -4.07 6.49 2.89
C ILE A 488 -4.29 6.87 4.35
N GLN A 489 -5.03 6.03 5.08
CA GLN A 489 -5.30 6.25 6.50
C GLN A 489 -4.01 6.50 7.28
N MET A 490 -2.95 5.80 6.88
CA MET A 490 -1.63 5.93 7.50
C MET A 490 -0.98 7.29 7.20
N VAL A 491 -1.13 7.79 5.98
CA VAL A 491 -0.58 9.09 5.62
C VAL A 491 -1.45 10.25 6.11
N ARG A 492 -2.74 9.98 6.29
CA ARG A 492 -3.67 10.96 6.85
C ARG A 492 -3.35 11.21 8.31
N ALA A 493 -2.77 10.22 8.97
CA ALA A 493 -2.32 10.34 10.35
C ALA A 493 -1.13 11.29 10.49
N GLN A 494 -0.51 11.63 9.36
CA GLN A 494 0.67 12.49 9.35
C GLN A 494 0.38 13.87 8.77
N ARG A 495 -0.63 13.96 7.92
CA ARG A 495 -1.11 15.25 7.40
C ARG A 495 -2.60 15.18 7.06
N SER A 496 -3.34 16.20 7.52
CA SER A 496 -4.79 16.27 7.35
C SER A 496 -5.24 16.11 5.90
N GLY A 497 -6.24 15.25 5.69
CA GLY A 497 -6.96 15.16 4.43
C GLY A 497 -6.17 14.85 3.17
N MET A 498 -5.13 14.01 3.29
CA MET A 498 -4.42 13.46 2.14
C MET A 498 -5.40 12.75 1.22
N VAL A 499 -5.44 13.16 -0.04
CA VAL A 499 -6.44 12.67 -1.02
C VAL A 499 -7.81 13.23 -0.66
N GLN A 500 -8.27 14.20 -1.45
CA GLN A 500 -9.47 14.97 -1.11
C GLN A 500 -10.77 14.45 -1.73
N THR A 501 -10.69 13.99 -2.98
CA THR A 501 -11.90 13.56 -3.70
C THR A 501 -11.88 12.08 -4.07
N GLU A 502 -13.07 11.50 -4.19
CA GLU A 502 -13.26 10.11 -4.61
C GLU A 502 -12.52 9.83 -5.92
N ALA A 503 -12.55 10.80 -6.84
CA ALA A 503 -11.86 10.71 -8.12
C ALA A 503 -10.37 10.44 -7.93
N GLN A 504 -9.77 11.16 -6.99
CA GLN A 504 -8.36 10.95 -6.62
C GLN A 504 -8.17 9.58 -6.00
N TYR A 505 -9.09 9.22 -5.10
CA TYR A 505 -9.06 7.89 -4.46
C TYR A 505 -9.06 6.78 -5.51
N LYS A 506 -9.96 6.88 -6.48
CA LYS A 506 -10.02 5.92 -7.58
C LYS A 506 -8.78 5.99 -8.45
N PHE A 507 -8.26 7.21 -8.65
CA PHE A 507 -7.07 7.40 -9.48
C PHE A 507 -5.88 6.58 -8.99
N ILE A 508 -5.74 6.48 -7.66
CA ILE A 508 -4.70 5.68 -7.05
C ILE A 508 -4.85 4.20 -7.43
N TYR A 509 -6.09 3.73 -7.42
CA TYR A 509 -6.39 2.36 -7.82
C TYR A 509 -6.05 2.11 -9.29
N VAL A 510 -6.57 2.94 -10.18
CA VAL A 510 -6.34 2.78 -11.62
C VAL A 510 -4.87 3.01 -12.00
N ALA A 511 -4.19 3.87 -11.23
CA ALA A 511 -2.75 4.13 -11.43
C ALA A 511 -1.91 2.88 -11.20
N ILE A 512 -2.08 2.25 -10.04
CA ILE A 512 -1.35 1.03 -9.71
C ILE A 512 -1.75 -0.12 -10.65
N ALA A 513 -3.01 -0.11 -11.08
CA ALA A 513 -3.53 -1.11 -12.01
C ALA A 513 -2.77 -1.10 -13.34
N GLN A 514 -2.60 0.07 -13.92
CA GLN A 514 -1.83 0.22 -15.16
C GLN A 514 -0.36 -0.09 -14.90
N PHE A 515 0.13 0.33 -13.73
CA PHE A 515 1.50 0.05 -13.29
C PHE A 515 1.74 -1.45 -13.21
N ILE A 516 0.73 -2.19 -12.73
CA ILE A 516 0.84 -3.64 -12.58
C ILE A 516 0.85 -4.34 -13.94
N GLU A 517 0.12 -3.79 -14.90
CA GLU A 517 0.05 -4.33 -16.26
C GLU A 517 1.33 -4.07 -17.02
N THR A 518 1.83 -2.84 -16.95
CA THR A 518 3.08 -2.45 -17.60
C THR A 518 4.29 -3.15 -16.96
N THR A 519 4.08 -3.76 -15.79
CA THR A 519 5.09 -4.59 -15.14
C THR A 519 5.02 -6.01 -15.70
N LYS A 520 3.81 -6.47 -16.03
CA LYS A 520 3.62 -7.79 -16.64
C LYS A 520 4.20 -7.85 -18.05
N LYS A 521 4.03 -6.78 -18.83
CA LYS A 521 4.50 -6.73 -20.22
C LYS A 521 6.01 -6.53 -20.32
N LYS A 522 6.62 -5.95 -19.29
CA LYS A 522 8.07 -5.75 -19.26
C LYS A 522 8.82 -6.98 -18.74
N LEU A 523 8.04 -7.99 -18.33
CA LEU A 523 8.58 -9.32 -18.02
C LEU A 523 8.19 -10.30 -19.13
N GLU A 524 7.31 -9.85 -20.02
CA GLU A 524 6.90 -10.62 -21.20
C GLU A 524 7.99 -10.59 -22.27
N VAL A 525 8.66 -9.44 -22.39
CA VAL A 525 9.75 -9.25 -23.36
C VAL A 525 11.04 -9.98 -22.96
N LEU A 526 11.27 -10.10 -21.65
CA LEU A 526 12.43 -10.82 -21.12
C LEU A 526 12.16 -12.32 -21.12
N GLN A 527 11.09 -12.73 -20.43
CA GLN A 527 10.64 -14.13 -20.35
C GLN A 527 11.73 -15.10 -19.86
N SER A 528 12.55 -15.59 -20.79
CA SER A 528 13.63 -16.51 -20.48
C SER A 528 14.97 -16.02 -21.05
N GLN A 529 16.06 -16.46 -20.44
CA GLN A 529 17.39 -16.08 -20.89
C GLN A 529 17.90 -17.01 -21.99
S SO4 B . -8.32 -22.44 11.06
O1 SO4 B . -9.08 -21.47 11.84
O2 SO4 B . -7.04 -22.69 11.71
O3 SO4 B . -9.07 -23.69 10.97
O4 SO4 B . -8.09 -21.92 9.71
S SO4 C . -1.94 -12.54 -14.62
O1 SO4 C . -3.18 -13.30 -14.74
O2 SO4 C . -0.80 -13.39 -14.97
O3 SO4 C . -1.97 -11.40 -15.53
O4 SO4 C . -1.78 -12.08 -13.25
S SO4 D . -15.62 -13.88 -9.25
O1 SO4 D . -15.11 -15.20 -8.88
O2 SO4 D . -14.76 -13.31 -10.29
O3 SO4 D . -16.99 -14.01 -9.76
O4 SO4 D . -15.61 -13.01 -8.08
S SO4 E . -4.03 19.97 -3.53
O1 SO4 E . -3.05 18.90 -3.46
O2 SO4 E . -5.38 19.43 -3.48
O3 SO4 E . -3.85 20.87 -2.38
O4 SO4 E . -3.86 20.72 -4.76
S SO4 F . 8.21 -31.62 -5.89
O1 SO4 F . 7.88 -32.90 -5.27
O2 SO4 F . 7.16 -31.26 -6.84
O3 SO4 F . 8.33 -30.60 -4.85
O4 SO4 F . 9.48 -31.73 -6.60
#